data_5U0Y
#
_entry.id   5U0Y
#
_cell.length_a   94.936
_cell.length_b   85.236
_cell.length_c   84.775
_cell.angle_alpha   90.00
_cell.angle_beta   111.48
_cell.angle_gamma   90.00
#
_symmetry.space_group_name_H-M   'C 1 2 1'
#
loop_
_entity.id
_entity.type
_entity.pdbx_description
1 polymer 'Dihydropteroate synthase'
2 non-polymer '[(2-amino-6-oxo-6,9-dihydro-1H-purin-8-yl)sulfanyl]acetic acid'
3 non-polymer 1,2-ETHANEDIOL
4 water water
#
_entity_poly.entity_id   1
_entity_poly.type   'polypeptide(L)'
_entity_poly.pdbx_seq_one_letter_code
;GSMKLFAQGTSLDLSHPHVMGILNVTPDSFSDGGTHNSLIDAVKHANLMINAGATIIDVGGESTRPGAAEVSVEEELQRV
IPVVEAIAQRFEVWISVDTSKPEVIRESAKVGAHIINDIRSLSEPGALEAAAETGLPVCLMHMQGNPKTMQEAPKYDDVF
AEVNRYFIEQIARCEQAGIAKEKLLLDPGFGFGKNLSHNYSLLARLAEFHHFNLPLLVGMSRKSMIGQLLNVGPSERLSG
SLACAVIAAMQGAHIIRVHDVKETVEAMRVVEATLSAKENKRYE
;
_entity_poly.pdbx_strand_id   A,B
#
# COMPACT_ATOMS: atom_id res chain seq x y z
N MET A 3 -1.39 -2.63 -23.31
CA MET A 3 0.09 -2.71 -23.44
C MET A 3 0.67 -4.11 -23.18
N LYS A 4 1.60 -4.52 -24.05
CA LYS A 4 2.15 -5.87 -24.08
C LYS A 4 3.63 -5.83 -24.45
N LEU A 5 4.38 -6.82 -23.97
CA LEU A 5 5.75 -7.05 -24.39
C LEU A 5 5.82 -8.42 -25.04
N PHE A 6 6.77 -8.59 -25.95
CA PHE A 6 6.94 -9.86 -26.71
C PHE A 6 8.39 -10.31 -26.61
N ALA A 7 8.60 -11.59 -26.39
CA ALA A 7 9.94 -12.13 -26.33
C ALA A 7 9.86 -13.62 -26.36
N GLN A 8 10.84 -14.25 -27.00
CA GLN A 8 11.01 -15.71 -27.00
C GLN A 8 9.73 -16.46 -27.37
N GLY A 9 8.96 -15.90 -28.30
CA GLY A 9 7.71 -16.52 -28.77
C GLY A 9 6.52 -16.43 -27.83
N THR A 10 6.60 -15.65 -26.76
CA THR A 10 5.47 -15.44 -25.87
C THR A 10 5.25 -13.94 -25.68
N SER A 11 4.22 -13.60 -24.92
CA SER A 11 3.90 -12.22 -24.61
C SER A 11 3.54 -12.07 -23.17
N LEU A 12 3.75 -10.85 -22.67
CA LEU A 12 3.41 -10.49 -21.34
C LEU A 12 2.33 -9.42 -21.42
N ASP A 13 1.20 -9.67 -20.79
CA ASP A 13 0.04 -8.82 -20.88
C ASP A 13 0.09 -7.84 -19.69
N LEU A 14 0.36 -6.57 -19.98
CA LEU A 14 0.56 -5.55 -18.94
C LEU A 14 -0.71 -4.73 -18.63
N SER A 15 -1.86 -5.37 -18.74
CA SER A 15 -3.10 -4.69 -18.39
C SER A 15 -3.38 -4.74 -16.88
N HIS A 16 -2.57 -5.48 -16.11
CA HIS A 16 -2.65 -5.52 -14.64
C HIS A 16 -1.22 -5.63 -14.12
N PRO A 17 -0.98 -5.26 -12.85
CA PRO A 17 0.37 -5.28 -12.34
C PRO A 17 0.97 -6.69 -12.19
N HIS A 18 2.24 -6.82 -12.62
CA HIS A 18 2.99 -8.05 -12.50
C HIS A 18 3.98 -7.93 -11.37
N VAL A 19 4.19 -9.03 -10.68
CA VAL A 19 5.19 -9.13 -9.65
C VAL A 19 6.43 -9.89 -10.19
N MET A 20 7.57 -9.23 -10.08
CA MET A 20 8.85 -9.77 -10.50
C MET A 20 9.63 -10.15 -9.27
N GLY A 21 9.91 -11.45 -9.12
CA GLY A 21 10.63 -11.98 -7.96
C GLY A 21 12.13 -11.88 -8.18
N ILE A 22 12.86 -11.52 -7.13
CA ILE A 22 14.30 -11.36 -7.17
C ILE A 22 14.98 -12.68 -6.89
N LEU A 23 15.87 -13.09 -7.79
CA LEU A 23 16.65 -14.29 -7.60
C LEU A 23 18.15 -13.90 -7.69
N ASN A 24 18.73 -13.69 -6.54
CA ASN A 24 20.14 -13.29 -6.44
C ASN A 24 20.99 -14.55 -6.47
N VAL A 25 21.93 -14.61 -7.41
CA VAL A 25 22.78 -15.78 -7.55
C VAL A 25 24.27 -15.33 -7.33
N THR A 26 24.47 -14.26 -6.55
CA THR A 26 25.80 -13.90 -6.01
C THR A 26 25.99 -14.73 -4.73
N PRO A 27 27.20 -15.22 -4.44
CA PRO A 27 27.34 -15.89 -3.12
C PRO A 27 27.48 -14.90 -1.94
N ASN A 37 24.27 -26.46 -2.82
CA ASN A 37 24.48 -26.38 -4.27
C ASN A 37 23.70 -25.21 -4.90
N SER A 38 24.39 -24.47 -5.76
CA SER A 38 23.94 -23.13 -6.18
C SER A 38 22.79 -23.17 -7.20
N LEU A 39 22.93 -24.05 -8.18
CA LEU A 39 21.91 -24.22 -9.23
C LEU A 39 20.63 -24.84 -8.71
N ILE A 40 20.75 -25.95 -7.96
CA ILE A 40 19.58 -26.58 -7.34
C ILE A 40 18.84 -25.58 -6.43
N ASP A 41 19.58 -24.84 -5.62
CA ASP A 41 18.97 -23.87 -4.72
C ASP A 41 18.27 -22.72 -5.44
N ALA A 42 18.90 -22.19 -6.50
CA ALA A 42 18.29 -21.16 -7.32
C ALA A 42 16.95 -21.61 -7.94
N VAL A 43 16.93 -22.85 -8.45
CA VAL A 43 15.71 -23.40 -9.06
C VAL A 43 14.62 -23.63 -8.00
N LYS A 44 15.00 -24.10 -6.81
CA LYS A 44 14.05 -24.24 -5.67
C LYS A 44 13.36 -22.89 -5.37
N HIS A 45 14.17 -21.84 -5.28
CA HIS A 45 13.68 -20.50 -5.02
C HIS A 45 12.80 -19.97 -6.14
N ALA A 46 13.20 -20.20 -7.37
CA ALA A 46 12.36 -19.83 -8.52
C ALA A 46 10.99 -20.48 -8.43
N ASN A 47 11.00 -21.77 -8.11
CA ASN A 47 9.78 -22.53 -8.01
C ASN A 47 8.82 -21.99 -6.96
N LEU A 48 9.36 -21.67 -5.77
CA LEU A 48 8.58 -21.05 -4.72
C LEU A 48 7.99 -19.73 -5.20
N MET A 49 8.75 -18.90 -5.89
CA MET A 49 8.27 -17.59 -6.35
C MET A 49 7.17 -17.67 -7.38
N ILE A 50 7.31 -18.62 -8.31
CA ILE A 50 6.28 -18.90 -9.30
C ILE A 50 5.01 -19.34 -8.62
N ASN A 51 5.14 -20.29 -7.70
CA ASN A 51 4.00 -20.79 -6.89
C ASN A 51 3.31 -19.68 -6.13
N ALA A 52 4.09 -18.71 -5.63
CA ALA A 52 3.56 -17.53 -4.95
C ALA A 52 2.92 -16.49 -5.88
N GLY A 53 3.09 -16.66 -7.20
CA GLY A 53 2.42 -15.83 -8.21
C GLY A 53 3.32 -14.84 -8.98
N ALA A 54 4.64 -14.93 -8.83
CA ALA A 54 5.54 -14.13 -9.64
C ALA A 54 5.38 -14.57 -11.08
N THR A 55 5.27 -13.61 -11.99
CA THR A 55 5.19 -13.90 -13.39
C THR A 55 6.49 -13.54 -14.12
N ILE A 56 7.46 -12.96 -13.42
CA ILE A 56 8.77 -12.70 -13.94
C ILE A 56 9.75 -13.02 -12.83
N ILE A 57 10.90 -13.60 -13.18
CA ILE A 57 11.96 -13.87 -12.23
C ILE A 57 13.22 -13.11 -12.68
N ASP A 58 13.73 -12.23 -11.81
CA ASP A 58 14.88 -11.38 -12.12
C ASP A 58 16.16 -12.02 -11.56
N VAL A 59 17.00 -12.50 -12.47
CA VAL A 59 18.17 -13.30 -12.11
C VAL A 59 19.39 -12.35 -12.15
N GLY A 60 20.13 -12.23 -11.05
CA GLY A 60 21.26 -11.27 -10.99
C GLY A 60 22.48 -11.82 -10.29
N GLY A 61 23.65 -11.72 -10.95
CA GLY A 61 24.90 -12.34 -10.43
C GLY A 61 26.10 -11.39 -10.22
N GLU A 62 25.84 -10.08 -10.23
CA GLU A 62 26.81 -9.04 -9.86
C GLU A 62 26.16 -8.20 -8.78
N SER A 63 26.76 -8.06 -7.60
CA SER A 63 26.16 -7.22 -6.58
C SER A 63 26.16 -5.75 -7.01
N THR A 64 25.10 -5.03 -6.69
CA THR A 64 25.02 -3.60 -6.98
C THR A 64 25.46 -2.77 -5.76
N ARG A 65 26.17 -3.42 -4.84
CA ARG A 65 26.73 -2.83 -3.59
C ARG A 65 27.86 -1.81 -3.82
N PRO A 66 28.15 -0.95 -2.85
CA PRO A 66 29.18 0.10 -3.00
C PRO A 66 30.66 -0.28 -3.19
N GLY A 67 31.26 -1.19 -2.44
CA GLY A 67 32.68 -1.45 -2.66
C GLY A 67 33.24 -2.68 -3.38
N ALA A 68 32.37 -3.57 -3.82
CA ALA A 68 32.80 -4.81 -4.47
C ALA A 68 33.51 -4.68 -5.81
N ALA A 69 34.53 -5.51 -6.02
CA ALA A 69 35.21 -5.50 -7.28
C ALA A 69 34.18 -6.00 -8.27
N GLU A 70 34.28 -5.57 -9.51
CA GLU A 70 33.35 -6.01 -10.51
C GLU A 70 33.71 -7.49 -10.69
N VAL A 71 32.72 -8.31 -10.96
CA VAL A 71 32.82 -9.74 -11.09
C VAL A 71 33.32 -9.91 -12.51
N SER A 72 34.16 -10.90 -12.77
CA SER A 72 34.67 -11.13 -14.11
C SER A 72 33.54 -11.61 -15.04
N VAL A 73 33.75 -11.45 -16.33
CA VAL A 73 32.80 -11.96 -17.32
C VAL A 73 32.62 -13.48 -17.12
N GLU A 74 33.72 -14.22 -17.00
CA GLU A 74 33.63 -15.69 -16.79
C GLU A 74 32.82 -16.12 -15.52
N GLU A 75 33.00 -15.38 -14.43
CA GLU A 75 32.31 -15.69 -13.18
C GLU A 75 30.82 -15.31 -13.32
N GLU A 76 30.51 -14.18 -13.97
CA GLU A 76 29.11 -13.80 -14.15
C GLU A 76 28.36 -14.79 -15.06
N LEU A 77 29.01 -15.23 -16.13
CA LEU A 77 28.41 -16.22 -17.02
C LEU A 77 28.12 -17.51 -16.23
N GLN A 78 29.07 -17.95 -15.41
CA GLN A 78 28.92 -19.18 -14.62
C GLN A 78 27.77 -19.11 -13.61
N ARG A 79 27.56 -17.95 -13.01
CA ARG A 79 26.47 -17.79 -12.05
C ARG A 79 25.12 -17.65 -12.71
N VAL A 80 25.04 -16.92 -13.82
CA VAL A 80 23.79 -16.51 -14.42
C VAL A 80 23.28 -17.52 -15.46
N ILE A 81 24.11 -17.93 -16.42
CA ILE A 81 23.56 -18.64 -17.59
C ILE A 81 22.89 -19.98 -17.21
N PRO A 82 23.52 -20.81 -16.35
CA PRO A 82 22.91 -22.11 -16.01
C PRO A 82 21.57 -21.93 -15.29
N VAL A 83 21.42 -20.81 -14.60
CA VAL A 83 20.20 -20.52 -13.86
C VAL A 83 19.09 -20.11 -14.82
N VAL A 84 19.39 -19.20 -15.72
CA VAL A 84 18.43 -18.76 -16.76
C VAL A 84 18.00 -19.98 -17.57
N GLU A 85 18.98 -20.77 -17.98
CA GLU A 85 18.73 -21.98 -18.74
C GLU A 85 17.78 -22.94 -18.01
N ALA A 86 18.07 -23.23 -16.74
CA ALA A 86 17.30 -24.23 -15.99
C ALA A 86 15.87 -23.74 -15.79
N ILE A 87 15.69 -22.45 -15.56
CA ILE A 87 14.34 -21.87 -15.41
C ILE A 87 13.58 -21.91 -16.75
N ALA A 88 14.23 -21.51 -17.84
CA ALA A 88 13.56 -21.51 -19.16
C ALA A 88 13.16 -22.92 -19.60
N GLN A 89 13.88 -23.92 -19.19
CA GLN A 89 13.50 -25.23 -19.67
C GLN A 89 12.54 -25.98 -18.74
N ARG A 90 12.35 -25.49 -17.53
CA ARG A 90 11.33 -26.06 -16.67
C ARG A 90 9.98 -25.32 -16.56
N PHE A 91 9.98 -23.98 -16.63
CA PHE A 91 8.82 -23.16 -16.26
C PHE A 91 8.43 -22.24 -17.40
N GLU A 92 7.22 -21.71 -17.38
CA GLU A 92 6.75 -20.78 -18.46
C GLU A 92 6.90 -19.30 -18.09
N VAL A 93 7.44 -19.06 -16.92
CA VAL A 93 7.60 -17.73 -16.37
C VAL A 93 8.54 -16.89 -17.25
N TRP A 94 8.36 -15.58 -17.24
CA TRP A 94 9.34 -14.71 -17.89
C TRP A 94 10.58 -14.55 -16.99
N ILE A 95 11.71 -14.33 -17.61
CA ILE A 95 13.01 -14.27 -16.96
C ILE A 95 13.62 -12.94 -17.35
N SER A 96 13.98 -12.14 -16.37
CA SER A 96 14.72 -10.93 -16.63
C SER A 96 16.14 -11.18 -16.13
N VAL A 97 17.11 -10.65 -16.86
CA VAL A 97 18.49 -10.84 -16.49
C VAL A 97 19.13 -9.50 -16.12
N ASP A 98 19.72 -9.48 -14.94
CA ASP A 98 20.22 -8.26 -14.35
C ASP A 98 21.73 -8.26 -14.62
N THR A 99 22.13 -7.65 -15.74
CA THR A 99 23.54 -7.64 -16.19
C THR A 99 23.84 -6.34 -16.95
N SER A 100 25.10 -5.96 -16.98
CA SER A 100 25.61 -4.88 -17.82
C SER A 100 26.60 -5.34 -18.87
N LYS A 101 26.89 -6.65 -18.92
CA LYS A 101 27.96 -7.13 -19.80
C LYS A 101 27.41 -7.66 -21.14
N PRO A 102 27.96 -7.27 -22.27
CA PRO A 102 27.41 -7.72 -23.54
C PRO A 102 27.37 -9.22 -23.69
N GLU A 103 28.37 -9.90 -23.19
CA GLU A 103 28.48 -11.35 -23.37
C GLU A 103 27.41 -12.08 -22.58
N VAL A 104 27.10 -11.55 -21.41
CA VAL A 104 26.05 -12.11 -20.57
C VAL A 104 24.69 -11.86 -21.20
N ILE A 105 24.52 -10.66 -21.75
CA ILE A 105 23.32 -10.33 -22.55
C ILE A 105 23.10 -11.34 -23.67
N ARG A 106 24.13 -11.52 -24.49
CA ARG A 106 24.05 -12.44 -25.61
C ARG A 106 23.71 -13.87 -25.18
N GLU A 107 24.47 -14.36 -24.22
CA GLU A 107 24.37 -15.75 -23.81
C GLU A 107 23.09 -16.02 -23.07
N SER A 108 22.58 -15.03 -22.31
CA SER A 108 21.27 -15.12 -21.66
C SER A 108 20.11 -15.22 -22.65
N ALA A 109 20.14 -14.40 -23.69
CA ALA A 109 19.13 -14.50 -24.75
C ALA A 109 19.10 -15.88 -25.40
N LYS A 110 20.30 -16.44 -25.62
CA LYS A 110 20.44 -17.75 -26.26
C LYS A 110 19.81 -18.87 -25.48
N VAL A 111 19.77 -18.77 -24.17
CA VAL A 111 19.17 -19.81 -23.34
C VAL A 111 17.78 -19.44 -22.81
N GLY A 112 17.17 -18.36 -23.30
CA GLY A 112 15.71 -18.13 -23.11
C GLY A 112 15.28 -16.92 -22.29
N ALA A 113 16.20 -16.02 -21.95
CA ALA A 113 15.82 -14.79 -21.21
C ALA A 113 14.89 -13.90 -22.01
N HIS A 114 13.98 -13.22 -21.30
CA HIS A 114 12.97 -12.41 -21.93
C HIS A 114 13.26 -10.92 -21.85
N ILE A 115 13.90 -10.47 -20.77
CA ILE A 115 14.09 -9.02 -20.52
C ILE A 115 15.49 -8.79 -20.08
N ILE A 116 16.13 -7.75 -20.65
CA ILE A 116 17.45 -7.32 -20.27
C ILE A 116 17.22 -6.20 -19.28
N ASN A 117 17.65 -6.42 -18.05
CA ASN A 117 17.42 -5.46 -16.99
C ASN A 117 18.75 -4.91 -16.51
N ASP A 118 19.24 -3.89 -17.20
CA ASP A 118 20.54 -3.37 -16.87
C ASP A 118 20.38 -2.13 -16.02
N ILE A 119 20.92 -2.14 -14.82
CA ILE A 119 20.93 -0.96 -13.97
C ILE A 119 21.73 0.21 -14.57
N ARG A 120 22.69 -0.09 -15.45
CA ARG A 120 23.50 0.91 -16.14
C ARG A 120 22.94 1.31 -17.51
N SER A 121 21.73 0.85 -17.83
CA SER A 121 21.06 1.20 -19.07
C SER A 121 21.95 1.06 -20.33
N LEU A 122 22.68 -0.07 -20.38
CA LEU A 122 23.55 -0.44 -21.52
C LEU A 122 24.64 0.57 -21.83
N SER A 123 25.18 1.15 -20.76
CA SER A 123 26.20 2.13 -20.93
C SER A 123 27.55 1.48 -21.22
N GLU A 124 27.73 0.21 -20.89
CA GLU A 124 29.05 -0.42 -21.02
C GLU A 124 29.42 -0.61 -22.48
N PRO A 125 30.72 -0.57 -22.80
CA PRO A 125 31.07 -0.78 -24.21
C PRO A 125 30.51 -2.10 -24.79
N GLY A 126 29.83 -1.98 -25.91
CA GLY A 126 29.23 -3.14 -26.57
C GLY A 126 27.84 -3.55 -26.11
N ALA A 127 27.39 -3.07 -24.93
CA ALA A 127 26.16 -3.54 -24.33
C ALA A 127 24.92 -3.19 -25.15
N LEU A 128 24.92 -2.00 -25.72
CA LEU A 128 23.84 -1.53 -26.52
C LEU A 128 23.68 -2.33 -27.79
N GLU A 129 24.79 -2.58 -28.50
CA GLU A 129 24.78 -3.39 -29.69
C GLU A 129 24.32 -4.83 -29.35
N ALA A 130 24.78 -5.38 -28.22
CA ALA A 130 24.42 -6.75 -27.82
C ALA A 130 22.91 -6.83 -27.52
N ALA A 131 22.42 -5.88 -26.78
CA ALA A 131 20.97 -5.85 -26.49
C ALA A 131 20.17 -5.73 -27.79
N ALA A 132 20.61 -4.86 -28.70
CA ALA A 132 19.92 -4.68 -30.00
C ALA A 132 19.88 -5.99 -30.78
N GLU A 133 21.01 -6.70 -30.81
CA GLU A 133 21.13 -7.99 -31.51
C GLU A 133 20.17 -9.07 -30.98
N THR A 134 19.91 -9.10 -29.68
CA THR A 134 19.02 -10.11 -29.12
C THR A 134 17.55 -9.87 -29.47
N GLY A 135 17.19 -8.62 -29.76
CA GLY A 135 15.79 -8.25 -30.05
C GLY A 135 14.88 -8.27 -28.85
N LEU A 136 15.45 -8.41 -27.64
CA LEU A 136 14.67 -8.56 -26.43
C LEU A 136 14.23 -7.22 -25.87
N PRO A 137 13.13 -7.21 -25.08
CA PRO A 137 12.82 -6.06 -24.26
C PRO A 137 14.01 -5.62 -23.36
N VAL A 138 14.14 -4.31 -23.18
CA VAL A 138 15.21 -3.69 -22.42
C VAL A 138 14.64 -2.69 -21.41
N CYS A 139 15.08 -2.80 -20.16
CA CYS A 139 14.67 -1.88 -19.12
C CYS A 139 15.74 -0.81 -19.00
N LEU A 140 15.31 0.45 -19.03
CA LEU A 140 16.18 1.59 -18.81
C LEU A 140 15.94 2.15 -17.46
N MET A 141 16.94 2.02 -16.59
CA MET A 141 16.84 2.46 -15.20
C MET A 141 17.68 3.74 -14.97
N HIS A 142 17.13 4.71 -14.26
CA HIS A 142 17.89 5.90 -13.91
C HIS A 142 18.83 5.64 -12.70
N MET A 143 20.08 6.06 -12.84
CA MET A 143 21.04 6.06 -11.78
C MET A 143 21.85 7.34 -11.95
N GLN A 144 22.13 8.02 -10.82
CA GLN A 144 23.06 9.10 -10.81
C GLN A 144 24.42 8.49 -10.48
N GLY A 145 25.36 8.69 -11.39
CA GLY A 145 26.75 8.21 -11.27
C GLY A 145 26.90 6.72 -11.44
N ASN A 146 27.73 6.08 -10.61
CA ASN A 146 27.89 4.63 -10.71
C ASN A 146 27.78 3.99 -9.34
N PRO A 147 27.50 2.68 -9.29
CA PRO A 147 27.21 2.04 -8.01
C PRO A 147 28.24 2.25 -6.91
N LYS A 148 29.52 2.38 -7.27
CA LYS A 148 30.61 2.51 -6.29
C LYS A 148 30.52 3.80 -5.46
N THR A 149 30.00 4.89 -6.04
CA THR A 149 29.98 6.17 -5.37
C THR A 149 28.64 6.93 -5.42
N MET A 150 27.59 6.32 -5.99
CA MET A 150 26.36 7.06 -6.25
C MET A 150 25.73 7.55 -4.94
N GLN A 151 25.96 6.81 -3.83
CA GLN A 151 25.38 7.24 -2.50
C GLN A 151 26.24 8.21 -1.67
N GLU A 152 27.42 8.61 -2.15
CA GLU A 152 28.22 9.58 -1.39
C GLU A 152 27.51 10.89 -1.12
N ALA A 153 26.96 11.48 -2.18
CA ALA A 153 26.34 12.82 -2.08
C ALA A 153 25.33 13.01 -3.23
N PRO A 154 24.22 12.28 -3.17
CA PRO A 154 23.25 12.50 -4.26
C PRO A 154 22.70 13.94 -4.25
N LYS A 155 22.65 14.55 -5.43
CA LYS A 155 22.14 15.89 -5.56
C LYS A 155 21.36 16.13 -6.82
N TYR A 156 20.23 16.80 -6.68
CA TYR A 156 19.42 17.22 -7.85
C TYR A 156 18.87 18.61 -7.61
N ASP A 157 18.79 19.42 -8.67
CA ASP A 157 17.95 20.62 -8.61
C ASP A 157 16.49 20.26 -8.74
N ASP A 158 16.16 19.31 -9.61
CA ASP A 158 14.79 18.82 -9.75
C ASP A 158 14.83 17.34 -10.10
N VAL A 159 14.65 16.47 -9.12
CA VAL A 159 14.89 15.04 -9.36
C VAL A 159 13.95 14.46 -10.41
N PHE A 160 12.66 14.81 -10.35
CA PHE A 160 11.71 14.36 -11.38
C PHE A 160 12.12 14.79 -12.79
N ALA A 161 12.43 16.07 -12.97
CA ALA A 161 12.80 16.57 -14.30
C ALA A 161 14.06 15.93 -14.81
N GLU A 162 15.01 15.73 -13.90
CA GLU A 162 16.35 15.14 -14.25
C GLU A 162 16.18 13.67 -14.65
N VAL A 163 15.36 12.93 -13.91
CA VAL A 163 15.07 11.53 -14.29
C VAL A 163 14.30 11.47 -15.60
N ASN A 164 13.34 12.37 -15.76
CA ASN A 164 12.55 12.43 -16.96
C ASN A 164 13.41 12.76 -18.20
N ARG A 165 14.31 13.69 -18.07
CA ARG A 165 15.22 14.02 -19.12
C ARG A 165 16.14 12.81 -19.49
N TYR A 166 16.65 12.15 -18.47
CA TYR A 166 17.45 10.94 -18.68
C TYR A 166 16.69 9.94 -19.56
N PHE A 167 15.44 9.67 -19.23
CA PHE A 167 14.62 8.76 -20.03
C PHE A 167 14.53 9.26 -21.46
N ILE A 168 14.29 10.55 -21.68
CA ILE A 168 14.20 11.08 -23.06
C ILE A 168 15.51 10.73 -23.83
N GLU A 169 16.63 11.04 -23.20
CA GLU A 169 17.98 10.80 -23.80
C GLU A 169 18.23 9.29 -24.06
N GLN A 170 17.96 8.47 -23.07
CA GLN A 170 18.19 7.05 -23.22
C GLN A 170 17.29 6.38 -24.24
N ILE A 171 16.03 6.78 -24.30
CA ILE A 171 15.15 6.31 -25.36
C ILE A 171 15.76 6.61 -26.73
N ALA A 172 16.21 7.84 -26.96
CA ALA A 172 16.78 8.25 -28.24
C ALA A 172 18.03 7.42 -28.60
N ARG A 173 18.85 7.16 -27.59
CA ARG A 173 20.06 6.36 -27.72
C ARG A 173 19.74 4.92 -28.17
N CYS A 174 18.77 4.32 -27.52
CA CYS A 174 18.27 3.00 -27.92
C CYS A 174 17.64 2.94 -29.33
N GLU A 175 16.81 3.92 -29.64
CA GLU A 175 16.21 4.02 -30.98
C GLU A 175 17.27 4.15 -32.07
N GLN A 176 18.30 4.96 -31.82
CA GLN A 176 19.43 5.15 -32.78
C GLN A 176 20.20 3.85 -33.04
N ALA A 177 20.28 2.98 -32.03
CA ALA A 177 20.89 1.67 -32.14
C ALA A 177 19.98 0.59 -32.73
N GLY A 178 18.75 0.95 -33.09
CA GLY A 178 17.80 -0.01 -33.67
C GLY A 178 16.89 -0.72 -32.70
N ILE A 179 16.84 -0.26 -31.45
CA ILE A 179 15.95 -0.83 -30.47
C ILE A 179 14.69 0.05 -30.45
N ALA A 180 13.60 -0.47 -30.99
CA ALA A 180 12.35 0.29 -31.11
C ALA A 180 11.74 0.60 -29.75
N LYS A 181 11.01 1.72 -29.65
CA LYS A 181 10.30 2.11 -28.43
C LYS A 181 9.51 0.98 -27.79
N GLU A 182 8.88 0.16 -28.64
CA GLU A 182 8.00 -0.94 -28.20
C GLU A 182 8.72 -2.03 -27.37
N LYS A 183 10.05 -2.00 -27.38
CA LYS A 183 10.84 -2.94 -26.61
C LYS A 183 11.29 -2.36 -25.27
N LEU A 184 10.99 -1.09 -24.98
CA LEU A 184 11.58 -0.44 -23.84
C LEU A 184 10.66 -0.43 -22.61
N LEU A 185 11.26 -0.47 -21.42
CA LEU A 185 10.58 -0.26 -20.14
C LEU A 185 11.39 0.81 -19.43
N LEU A 186 10.74 1.60 -18.60
CA LEU A 186 11.40 2.66 -17.82
C LEU A 186 11.27 2.39 -16.32
N ASP A 187 12.34 2.69 -15.60
CA ASP A 187 12.44 2.48 -14.14
C ASP A 187 13.20 3.68 -13.54
N PRO A 188 12.55 4.45 -12.64
CA PRO A 188 13.22 5.63 -12.09
C PRO A 188 14.38 5.30 -11.13
N GLY A 189 14.59 4.03 -10.81
CA GLY A 189 15.77 3.66 -10.10
C GLY A 189 15.83 4.10 -8.64
N PHE A 190 14.84 3.63 -7.89
CA PHE A 190 14.78 3.96 -6.50
C PHE A 190 16.05 3.54 -5.78
N GLY A 191 16.66 4.47 -5.05
CA GLY A 191 17.86 4.22 -4.28
C GLY A 191 19.18 4.39 -5.05
N PHE A 192 19.12 4.62 -6.37
CA PHE A 192 20.34 4.70 -7.19
C PHE A 192 20.79 6.14 -7.39
N GLY A 193 21.59 6.61 -6.47
CA GLY A 193 22.06 7.95 -6.42
C GLY A 193 20.96 8.90 -5.98
N LYS A 194 20.24 8.51 -4.92
CA LYS A 194 19.07 9.24 -4.44
C LYS A 194 19.02 9.16 -2.91
N ASN A 195 18.81 10.29 -2.27
CA ASN A 195 18.47 10.31 -0.85
C ASN A 195 16.98 10.07 -0.65
N LEU A 196 16.60 10.01 0.63
CA LEU A 196 15.23 9.71 1.06
C LEU A 196 14.24 10.62 0.39
N SER A 197 14.46 11.94 0.43
CA SER A 197 13.48 12.86 -0.16
C SER A 197 13.42 12.76 -1.70
N HIS A 198 14.55 12.48 -2.35
CA HIS A 198 14.54 12.26 -3.81
C HIS A 198 13.64 11.08 -4.17
N ASN A 199 13.76 10.00 -3.39
CA ASN A 199 12.99 8.81 -3.64
C ASN A 199 11.49 9.06 -3.53
N TYR A 200 11.05 9.72 -2.46
CA TYR A 200 9.62 10.04 -2.30
C TYR A 200 9.09 11.08 -3.31
N SER A 201 9.94 12.00 -3.78
CA SER A 201 9.52 12.91 -4.84
C SER A 201 9.21 12.14 -6.13
N LEU A 202 10.08 11.15 -6.46
CA LEU A 202 9.82 10.29 -7.62
C LEU A 202 8.59 9.42 -7.45
N LEU A 203 8.45 8.81 -6.28
CA LEU A 203 7.29 7.95 -6.05
C LEU A 203 5.96 8.76 -6.13
N ALA A 204 5.94 9.96 -5.57
CA ALA A 204 4.74 10.78 -5.55
C ALA A 204 4.31 11.19 -6.96
N ARG A 205 5.27 11.30 -7.90
CA ARG A 205 4.98 11.76 -9.25
C ARG A 205 5.09 10.65 -10.27
N LEU A 206 5.10 9.40 -9.82
CA LEU A 206 5.39 8.30 -10.72
C LEU A 206 4.46 8.24 -11.94
N ALA A 207 3.18 8.49 -11.73
CA ALA A 207 2.19 8.48 -12.81
C ALA A 207 2.53 9.43 -13.95
N GLU A 208 3.26 10.51 -13.67
CA GLU A 208 3.60 11.46 -14.73
C GLU A 208 4.62 10.87 -15.73
N PHE A 209 5.29 9.79 -15.39
CA PHE A 209 6.18 9.09 -16.33
C PHE A 209 5.43 8.27 -17.41
N HIS A 210 4.10 8.10 -17.28
CA HIS A 210 3.25 7.50 -18.31
C HIS A 210 3.23 8.27 -19.64
N HIS A 211 3.66 9.54 -19.67
CA HIS A 211 3.61 10.29 -20.93
C HIS A 211 4.44 9.61 -22.07
N PHE A 212 5.45 8.84 -21.73
CA PHE A 212 6.25 8.10 -22.70
C PHE A 212 5.49 6.94 -23.34
N ASN A 213 4.35 6.55 -22.76
CA ASN A 213 3.58 5.41 -23.21
C ASN A 213 4.42 4.13 -23.24
N LEU A 214 5.27 3.98 -22.22
CA LEU A 214 6.07 2.80 -22.01
C LEU A 214 5.75 2.14 -20.66
N PRO A 215 5.99 0.82 -20.55
CA PRO A 215 5.88 0.11 -19.27
C PRO A 215 6.78 0.72 -18.20
N LEU A 216 6.26 0.79 -16.96
CA LEU A 216 7.01 1.31 -15.83
C LEU A 216 7.27 0.14 -14.92
N LEU A 217 8.55 -0.01 -14.54
CA LEU A 217 9.02 -1.01 -13.59
C LEU A 217 9.59 -0.26 -12.42
N VAL A 218 9.33 -0.74 -11.21
CA VAL A 218 9.85 -0.10 -9.99
C VAL A 218 10.40 -1.18 -9.11
N GLY A 219 11.39 -0.82 -8.33
CA GLY A 219 11.94 -1.69 -7.30
C GLY A 219 12.27 -0.92 -6.05
N MET A 220 11.41 -1.08 -5.02
CA MET A 220 11.57 -0.46 -3.74
C MET A 220 11.72 -1.46 -2.57
N SER A 221 11.56 -2.74 -2.86
CA SER A 221 11.50 -3.81 -1.84
C SER A 221 12.69 -3.81 -0.88
N ARG A 222 12.41 -3.59 0.40
CA ARG A 222 13.40 -3.61 1.47
C ARG A 222 14.52 -2.58 1.36
N LYS A 223 14.32 -1.54 0.54
CA LYS A 223 15.34 -0.51 0.36
C LYS A 223 15.37 0.51 1.46
N SER A 224 16.46 1.26 1.48
CA SER A 224 16.68 2.29 2.50
C SER A 224 15.60 3.35 2.51
N MET A 225 14.90 3.59 1.42
CA MET A 225 13.82 4.56 1.43
C MET A 225 12.69 4.16 2.39
N ILE A 226 12.60 2.87 2.69
CA ILE A 226 11.74 2.36 3.75
C ILE A 226 12.51 2.35 5.08
N GLY A 227 13.69 1.74 5.10
CA GLY A 227 14.48 1.63 6.34
C GLY A 227 14.76 2.92 7.09
N GLN A 228 15.18 3.92 6.32
CA GLN A 228 15.52 5.25 6.83
C GLN A 228 14.27 6.00 7.27
N LEU A 229 13.14 5.76 6.59
CA LEU A 229 11.89 6.42 7.00
C LEU A 229 11.33 5.88 8.31
N LEU A 230 11.34 4.55 8.43
CA LEU A 230 10.79 3.86 9.58
C LEU A 230 11.79 3.62 10.70
N ASN A 231 13.07 3.78 10.41
CA ASN A 231 14.15 3.38 11.30
C ASN A 231 14.10 1.90 11.72
N VAL A 232 14.06 1.03 10.72
CA VAL A 232 14.02 -0.41 10.92
C VAL A 232 15.05 -1.06 10.03
N GLY A 233 15.54 -2.23 10.46
CA GLY A 233 16.52 -2.99 9.69
C GLY A 233 15.96 -3.69 8.46
N PRO A 234 16.81 -4.34 7.68
CA PRO A 234 16.42 -4.93 6.40
C PRO A 234 15.38 -6.03 6.46
N SER A 235 15.28 -6.73 7.59
CA SER A 235 14.30 -7.84 7.70
C SER A 235 12.95 -7.34 8.20
N GLU A 236 12.83 -6.03 8.49
CA GLU A 236 11.65 -5.49 9.19
C GLU A 236 10.86 -4.56 8.24
N ARG A 237 11.12 -4.66 6.95
CA ARG A 237 10.55 -3.71 5.98
C ARG A 237 9.40 -4.23 5.12
N LEU A 238 8.83 -5.39 5.42
CA LEU A 238 7.74 -5.90 4.56
C LEU A 238 6.55 -4.93 4.43
N SER A 239 6.04 -4.45 5.56
CA SER A 239 4.85 -3.57 5.54
C SER A 239 5.12 -2.30 4.70
N GLY A 240 6.31 -1.70 4.90
CA GLY A 240 6.72 -0.55 4.10
C GLY A 240 6.86 -0.91 2.63
N SER A 241 7.44 -2.09 2.34
CA SER A 241 7.62 -2.53 0.95
C SER A 241 6.26 -2.73 0.25
N LEU A 242 5.29 -3.26 0.99
CA LEU A 242 3.93 -3.42 0.45
C LEU A 242 3.29 -2.06 0.18
N ALA A 243 3.47 -1.10 1.10
CA ALA A 243 2.93 0.23 0.91
C ALA A 243 3.51 0.88 -0.36
N CYS A 244 4.83 0.84 -0.50
CA CYS A 244 5.48 1.28 -1.73
C CYS A 244 4.90 0.65 -3.00
N ALA A 245 4.75 -0.68 -2.99
CA ALA A 245 4.26 -1.42 -4.14
C ALA A 245 2.84 -0.99 -4.50
N VAL A 246 2.03 -0.85 -3.46
CA VAL A 246 0.66 -0.40 -3.66
C VAL A 246 0.59 1.02 -4.20
N ILE A 247 1.37 1.92 -3.61
CA ILE A 247 1.40 3.29 -4.09
C ILE A 247 1.78 3.37 -5.59
N ALA A 248 2.78 2.59 -6.00
CA ALA A 248 3.21 2.61 -7.39
C ALA A 248 2.20 1.95 -8.33
N ALA A 249 1.67 0.81 -7.92
CA ALA A 249 0.66 0.10 -8.70
C ALA A 249 -0.66 0.87 -8.84
N MET A 250 -1.05 1.60 -7.81
CA MET A 250 -2.23 2.48 -7.93
C MET A 250 -2.03 3.60 -8.96
N GLN A 251 -0.80 4.00 -9.16
CA GLN A 251 -0.44 4.96 -10.22
C GLN A 251 -0.12 4.32 -11.58
N GLY A 252 -0.39 3.02 -11.73
CA GLY A 252 -0.33 2.32 -12.99
C GLY A 252 1.03 1.72 -13.33
N ALA A 253 1.92 1.58 -12.35
CA ALA A 253 3.17 0.85 -12.54
C ALA A 253 2.86 -0.58 -12.99
N HIS A 254 3.60 -1.08 -13.97
CA HIS A 254 3.27 -2.34 -14.65
C HIS A 254 3.95 -3.54 -14.04
N ILE A 255 5.13 -3.32 -13.50
CA ILE A 255 5.93 -4.39 -12.94
C ILE A 255 6.56 -3.93 -11.63
N ILE A 256 6.44 -4.77 -10.59
CA ILE A 256 6.93 -4.46 -9.25
C ILE A 256 7.95 -5.53 -8.86
N ARG A 257 9.20 -5.10 -8.65
CA ARG A 257 10.30 -6.00 -8.36
C ARG A 257 10.46 -6.15 -6.87
N VAL A 258 10.35 -7.38 -6.38
CA VAL A 258 10.25 -7.62 -4.94
C VAL A 258 10.92 -8.88 -4.45
N HIS A 259 11.23 -8.89 -3.15
CA HIS A 259 11.68 -10.09 -2.46
C HIS A 259 10.51 -10.95 -1.98
N ASP A 260 9.43 -10.31 -1.54
CA ASP A 260 8.34 -10.96 -0.84
C ASP A 260 7.19 -11.14 -1.79
N VAL A 261 7.21 -12.23 -2.53
CA VAL A 261 6.30 -12.40 -3.68
C VAL A 261 4.83 -12.61 -3.28
N LYS A 262 4.55 -13.60 -2.44
CA LYS A 262 3.18 -13.94 -2.07
C LYS A 262 2.42 -12.72 -1.57
N GLU A 263 3.05 -12.00 -0.65
CA GLU A 263 2.43 -10.81 -0.05
C GLU A 263 2.19 -9.70 -1.10
N THR A 264 3.17 -9.48 -1.95
CA THR A 264 3.02 -8.50 -3.00
C THR A 264 1.91 -8.86 -3.99
N VAL A 265 1.81 -10.14 -4.36
CA VAL A 265 0.80 -10.59 -5.32
C VAL A 265 -0.59 -10.35 -4.72
N GLU A 266 -0.75 -10.67 -3.45
CA GLU A 266 -2.00 -10.40 -2.75
C GLU A 266 -2.38 -8.92 -2.77
N ALA A 267 -1.43 -8.07 -2.40
CA ALA A 267 -1.66 -6.63 -2.47
C ALA A 267 -2.02 -6.18 -3.88
N MET A 268 -1.37 -6.74 -4.90
CA MET A 268 -1.65 -6.37 -6.29
C MET A 268 -3.07 -6.76 -6.73
N ARG A 269 -3.59 -7.88 -6.21
CA ARG A 269 -4.99 -8.29 -6.46
C ARG A 269 -5.97 -7.27 -5.92
N VAL A 270 -5.67 -6.72 -4.73
CA VAL A 270 -6.50 -5.66 -4.15
C VAL A 270 -6.40 -4.41 -5.02
N VAL A 271 -5.20 -4.07 -5.45
CA VAL A 271 -5.05 -2.91 -6.34
C VAL A 271 -5.85 -3.11 -7.63
N GLU A 272 -5.73 -4.29 -8.22
N GLU A 272 -5.75 -4.26 -8.23
CA GLU A 272 -6.43 -4.58 -9.50
CA GLU A 272 -6.46 -4.50 -9.48
C GLU A 272 -7.94 -4.47 -9.34
C GLU A 272 -7.98 -4.45 -9.32
N ALA A 273 -8.48 -5.02 -8.25
CA ALA A 273 -9.92 -4.91 -7.99
C ALA A 273 -10.37 -3.46 -7.83
N THR A 274 -9.54 -2.64 -7.20
CA THR A 274 -9.83 -1.22 -7.07
C THR A 274 -9.77 -0.47 -8.41
N LEU A 275 -8.68 -0.67 -9.15
CA LEU A 275 -8.52 -0.07 -10.49
C LEU A 275 -9.62 -0.47 -11.48
N SER A 276 -10.06 -1.72 -11.43
CA SER A 276 -11.13 -2.20 -12.32
C SER A 276 -12.52 -1.63 -11.93
N ALA A 277 -12.74 -1.27 -10.67
CA ALA A 277 -13.96 -0.56 -10.29
C ALA A 277 -13.90 0.94 -10.61
N LYS A 278 -12.71 1.49 -10.84
CA LYS A 278 -12.54 2.91 -11.16
C LYS A 278 -12.75 3.13 -12.67
N GLU A 279 -13.47 4.21 -13.00
CA GLU A 279 -13.81 4.52 -14.39
C GLU A 279 -12.59 4.75 -15.25
N ASN A 280 -11.56 5.40 -14.70
CA ASN A 280 -10.39 5.82 -15.49
C ASN A 280 -9.13 4.91 -15.37
N LYS A 281 -9.18 3.88 -14.50
CA LYS A 281 -8.12 2.83 -14.37
C LYS A 281 -6.75 3.25 -13.77
N ARG A 282 -6.70 4.39 -13.05
CA ARG A 282 -5.44 4.95 -12.54
C ARG A 282 -5.59 6.10 -11.53
N TYR A 283 -4.69 6.15 -10.54
CA TYR A 283 -4.60 7.28 -9.56
C TYR A 283 -3.48 8.24 -9.93
N GLU A 284 -3.78 9.53 -9.79
CA GLU A 284 -2.83 10.62 -10.08
C GLU A 284 -3.14 11.77 -9.12
N SER B 2 -4.86 20.73 7.77
CA SER B 2 -5.58 21.74 8.59
C SER B 2 -6.79 21.21 9.40
N MET B 3 -7.36 20.08 9.01
CA MET B 3 -8.54 19.56 9.67
C MET B 3 -8.21 18.94 11.04
N LYS B 4 -9.05 19.23 12.03
CA LYS B 4 -8.86 18.83 13.43
C LYS B 4 -10.20 18.42 14.05
N LEU B 5 -10.16 17.52 15.04
CA LEU B 5 -11.29 17.25 15.88
C LEU B 5 -10.92 17.66 17.31
N PHE B 6 -11.94 18.01 18.11
CA PHE B 6 -11.77 18.42 19.51
C PHE B 6 -12.67 17.58 20.39
N ALA B 7 -12.15 17.16 21.52
CA ALA B 7 -12.92 16.43 22.47
C ALA B 7 -12.15 16.36 23.74
N GLN B 8 -12.86 16.40 24.86
CA GLN B 8 -12.31 16.20 26.19
C GLN B 8 -11.06 17.04 26.46
N GLY B 9 -11.06 18.26 25.93
CA GLY B 9 -9.97 19.17 26.14
C GLY B 9 -8.69 18.92 25.36
N THR B 10 -8.73 18.02 24.37
CA THR B 10 -7.61 17.78 23.53
C THR B 10 -8.09 17.83 22.10
N SER B 11 -7.16 17.68 21.18
CA SER B 11 -7.43 17.74 19.78
C SER B 11 -6.67 16.66 19.06
N LEU B 12 -7.25 16.26 17.93
CA LEU B 12 -6.63 15.31 17.03
C LEU B 12 -6.31 16.04 15.73
N ASP B 13 -5.04 15.99 15.30
CA ASP B 13 -4.54 16.70 14.13
C ASP B 13 -4.64 15.77 12.93
N LEU B 14 -5.57 16.05 12.02
CA LEU B 14 -5.88 15.13 10.92
C LEU B 14 -5.14 15.50 9.62
N SER B 15 -3.96 16.09 9.74
CA SER B 15 -3.21 16.48 8.57
C SER B 15 -2.40 15.27 8.06
N HIS B 16 -2.42 14.15 8.77
CA HIS B 16 -1.79 12.89 8.36
C HIS B 16 -2.70 11.74 8.85
N PRO B 17 -2.54 10.54 8.29
CA PRO B 17 -3.48 9.47 8.62
C PRO B 17 -3.20 8.90 10.02
N HIS B 18 -4.28 8.69 10.76
CA HIS B 18 -4.23 8.09 12.06
C HIS B 18 -4.66 6.62 11.98
N VAL B 19 -4.02 5.80 12.77
CA VAL B 19 -4.38 4.42 12.92
C VAL B 19 -5.17 4.22 14.22
N MET B 20 -6.36 3.65 14.05
CA MET B 20 -7.25 3.37 15.17
C MET B 20 -7.26 1.86 15.42
N GLY B 21 -6.79 1.44 16.58
CA GLY B 21 -6.70 0.06 16.95
C GLY B 21 -8.03 -0.44 17.49
N ILE B 22 -8.37 -1.68 17.16
CA ILE B 22 -9.57 -2.33 17.66
C ILE B 22 -9.29 -3.04 18.98
N LEU B 23 -10.05 -2.72 20.03
CA LEU B 23 -9.86 -3.33 21.31
C LEU B 23 -11.06 -4.23 21.71
N ASN B 24 -10.81 -5.50 21.93
CA ASN B 24 -11.86 -6.39 22.45
C ASN B 24 -12.11 -6.09 23.89
N VAL B 25 -13.36 -6.14 24.30
CA VAL B 25 -13.67 -6.17 25.71
C VAL B 25 -14.23 -7.56 26.02
N THR B 26 -13.53 -8.30 26.84
CA THR B 26 -13.78 -9.72 27.03
C THR B 26 -14.08 -9.95 28.46
N ASN B 37 -9.85 -8.58 35.82
CA ASN B 37 -9.24 -9.39 34.77
C ASN B 37 -9.54 -8.92 33.34
N SER B 38 -10.80 -8.73 32.99
CA SER B 38 -11.07 -8.28 31.67
C SER B 38 -10.42 -6.91 31.56
N LEU B 39 -10.46 -6.18 32.64
CA LEU B 39 -9.90 -4.86 32.72
C LEU B 39 -8.41 -4.89 32.57
N ILE B 40 -7.73 -5.71 33.34
CA ILE B 40 -6.27 -5.84 33.22
C ILE B 40 -5.85 -6.17 31.79
N ASP B 41 -6.53 -7.13 31.20
CA ASP B 41 -6.19 -7.57 29.87
C ASP B 41 -6.47 -6.46 28.82
N ALA B 42 -7.62 -5.81 28.93
CA ALA B 42 -7.98 -4.72 28.02
C ALA B 42 -6.94 -3.59 28.04
N VAL B 43 -6.46 -3.26 29.24
CA VAL B 43 -5.45 -2.22 29.41
C VAL B 43 -4.09 -2.70 28.88
N LYS B 44 -3.72 -3.96 29.09
CA LYS B 44 -2.53 -4.52 28.44
C LYS B 44 -2.54 -4.40 26.90
N HIS B 45 -3.67 -4.73 26.30
CA HIS B 45 -3.83 -4.63 24.86
C HIS B 45 -3.81 -3.18 24.35
N ALA B 46 -4.42 -2.30 25.13
CA ALA B 46 -4.39 -0.88 24.77
C ALA B 46 -2.94 -0.39 24.75
N ASN B 47 -2.18 -0.81 25.75
CA ASN B 47 -0.80 -0.45 25.88
C ASN B 47 0.04 -0.92 24.69
N LEU B 48 -0.16 -2.16 24.27
CA LEU B 48 0.51 -2.72 23.09
C LEU B 48 0.19 -1.94 21.83
N MET B 49 -1.07 -1.55 21.66
CA MET B 49 -1.48 -0.80 20.47
C MET B 49 -0.89 0.60 20.43
N ILE B 50 -0.88 1.26 21.59
CA ILE B 50 -0.27 2.59 21.74
C ILE B 50 1.22 2.51 21.39
N ASN B 51 1.93 1.52 21.95
CA ASN B 51 3.33 1.26 21.66
C ASN B 51 3.54 1.05 20.19
N ALA B 52 2.60 0.37 19.54
CA ALA B 52 2.67 0.15 18.11
C ALA B 52 2.32 1.36 17.25
N GLY B 53 1.81 2.43 17.86
CA GLY B 53 1.61 3.71 17.21
C GLY B 53 0.17 4.08 16.95
N ALA B 54 -0.78 3.35 17.51
CA ALA B 54 -2.22 3.72 17.39
C ALA B 54 -2.40 5.01 18.14
N THR B 55 -3.13 5.94 17.56
CA THR B 55 -3.44 7.19 18.21
C THR B 55 -4.91 7.25 18.62
N ILE B 56 -5.69 6.23 18.29
CA ILE B 56 -7.06 6.14 18.75
C ILE B 56 -7.28 4.65 19.03
N ILE B 57 -8.03 4.35 20.10
CA ILE B 57 -8.41 2.99 20.45
C ILE B 57 -9.91 2.92 20.33
N ASP B 58 -10.39 1.98 19.52
CA ASP B 58 -11.80 1.73 19.40
C ASP B 58 -12.26 0.58 20.32
N VAL B 59 -13.02 0.94 21.37
CA VAL B 59 -13.41 0.01 22.44
C VAL B 59 -14.64 -0.76 21.98
N GLY B 60 -14.46 -2.03 21.70
CA GLY B 60 -15.56 -2.96 21.51
C GLY B 60 -15.13 -4.30 20.93
N GLY B 61 -14.55 -4.28 19.72
CA GLY B 61 -14.03 -5.50 19.04
C GLY B 61 -15.10 -6.59 18.92
N GLU B 62 -14.76 -7.80 19.34
CA GLU B 62 -15.66 -8.95 19.09
C GLU B 62 -17.02 -8.77 19.80
N SER B 63 -16.99 -8.12 20.95
CA SER B 63 -18.24 -7.94 21.77
C SER B 63 -19.30 -7.09 21.06
N THR B 64 -18.87 -6.24 20.10
CA THR B 64 -19.72 -5.25 19.41
C THR B 64 -19.84 -5.42 17.91
N ARG B 65 -19.23 -6.46 17.36
CA ARG B 65 -19.42 -6.79 15.94
C ARG B 65 -20.90 -7.05 15.63
N PRO B 66 -21.33 -6.88 14.37
CA PRO B 66 -22.69 -7.27 14.04
C PRO B 66 -22.91 -8.74 14.31
N GLY B 67 -24.04 -9.10 14.87
CA GLY B 67 -24.31 -10.52 15.17
C GLY B 67 -23.90 -10.89 16.59
N ALA B 68 -23.04 -10.09 17.26
CA ALA B 68 -22.69 -10.38 18.67
C ALA B 68 -23.94 -10.32 19.54
N ALA B 69 -23.94 -11.07 20.64
CA ALA B 69 -25.08 -11.07 21.53
C ALA B 69 -25.38 -9.68 22.06
N GLU B 70 -26.66 -9.33 22.09
CA GLU B 70 -27.12 -8.13 22.77
C GLU B 70 -27.03 -8.34 24.28
N VAL B 71 -26.83 -7.23 24.97
CA VAL B 71 -26.77 -7.22 26.42
C VAL B 71 -27.65 -6.11 26.99
N SER B 72 -27.98 -6.22 28.26
CA SER B 72 -28.75 -5.24 28.97
C SER B 72 -27.94 -3.95 29.12
N VAL B 73 -28.64 -2.88 29.40
CA VAL B 73 -27.97 -1.58 29.64
C VAL B 73 -26.96 -1.76 30.80
N GLU B 74 -27.40 -2.37 31.91
CA GLU B 74 -26.50 -2.56 33.06
C GLU B 74 -25.24 -3.38 32.74
N GLU B 75 -25.38 -4.40 31.91
CA GLU B 75 -24.26 -5.22 31.58
C GLU B 75 -23.32 -4.47 30.65
N GLU B 76 -23.88 -3.71 29.69
CA GLU B 76 -23.03 -2.98 28.78
C GLU B 76 -22.23 -1.89 29.51
N LEU B 77 -22.87 -1.22 30.43
CA LEU B 77 -22.19 -0.21 31.25
C LEU B 77 -21.05 -0.84 32.06
N GLN B 78 -21.30 -1.99 32.66
CA GLN B 78 -20.31 -2.71 33.44
C GLN B 78 -19.12 -3.19 32.62
N ARG B 79 -19.32 -3.51 31.35
CA ARG B 79 -18.19 -3.92 30.49
C ARG B 79 -17.42 -2.77 29.80
N VAL B 80 -18.12 -1.70 29.42
CA VAL B 80 -17.55 -0.62 28.67
C VAL B 80 -16.96 0.50 29.54
N ILE B 81 -17.70 0.97 30.54
CA ILE B 81 -17.30 2.16 31.24
C ILE B 81 -15.95 2.00 31.97
N PRO B 82 -15.73 0.90 32.72
CA PRO B 82 -14.43 0.71 33.38
C PRO B 82 -13.23 0.63 32.42
N VAL B 83 -13.46 0.18 31.19
CA VAL B 83 -12.37 0.11 30.18
C VAL B 83 -12.04 1.50 29.67
N VAL B 84 -13.07 2.25 29.27
CA VAL B 84 -12.90 3.61 28.82
C VAL B 84 -12.21 4.43 29.92
N GLU B 85 -12.74 4.32 31.13
CA GLU B 85 -12.19 5.01 32.27
C GLU B 85 -10.71 4.70 32.51
N ALA B 86 -10.34 3.42 32.50
CA ALA B 86 -8.96 3.02 32.76
C ALA B 86 -8.01 3.52 31.70
N ILE B 87 -8.44 3.50 30.46
CA ILE B 87 -7.60 4.02 29.37
C ILE B 87 -7.44 5.53 29.50
N ALA B 88 -8.55 6.23 29.77
CA ALA B 88 -8.50 7.70 29.85
C ALA B 88 -7.60 8.15 31.00
N GLN B 89 -7.53 7.36 32.06
CA GLN B 89 -6.70 7.67 33.24
C GLN B 89 -5.22 7.39 33.02
N ARG B 90 -4.88 6.43 32.17
CA ARG B 90 -3.48 6.04 31.97
C ARG B 90 -2.80 6.56 30.76
N PHE B 91 -3.53 6.85 29.69
CA PHE B 91 -2.89 7.15 28.44
C PHE B 91 -3.43 8.42 27.83
N GLU B 92 -2.67 8.99 26.88
CA GLU B 92 -3.11 10.23 26.18
C GLU B 92 -3.85 9.99 24.85
N VAL B 93 -4.01 8.74 24.53
CA VAL B 93 -4.64 8.30 23.31
C VAL B 93 -6.13 8.69 23.24
N TRP B 94 -6.63 8.87 22.03
CA TRP B 94 -8.07 9.08 21.86
C TRP B 94 -8.79 7.72 21.94
N ILE B 95 -10.04 7.76 22.38
CA ILE B 95 -10.87 6.60 22.67
C ILE B 95 -12.16 6.75 21.88
N SER B 96 -12.47 5.75 21.07
CA SER B 96 -13.72 5.69 20.37
C SER B 96 -14.53 4.59 21.05
N VAL B 97 -15.83 4.84 21.29
N VAL B 97 -15.81 4.80 21.26
CA VAL B 97 -16.71 3.87 21.98
CA VAL B 97 -16.57 3.82 21.98
C VAL B 97 -17.76 3.28 21.05
C VAL B 97 -17.71 3.28 21.09
N ASP B 98 -17.83 1.96 21.00
CA ASP B 98 -18.82 1.27 20.22
C ASP B 98 -20.02 1.04 21.10
N THR B 99 -21.10 1.74 20.81
CA THR B 99 -22.35 1.53 21.53
C THR B 99 -23.50 2.10 20.72
N SER B 100 -24.71 1.58 20.97
CA SER B 100 -25.94 2.13 20.43
C SER B 100 -26.84 2.67 21.52
N LYS B 101 -26.47 2.56 22.78
CA LYS B 101 -27.39 2.92 23.88
C LYS B 101 -27.15 4.31 24.49
N PRO B 102 -28.18 5.10 24.67
CA PRO B 102 -27.96 6.47 25.15
C PRO B 102 -27.24 6.55 26.48
N GLU B 103 -27.53 5.67 27.40
CA GLU B 103 -26.92 5.65 28.71
C GLU B 103 -25.45 5.38 28.66
N VAL B 104 -25.05 4.52 27.75
CA VAL B 104 -23.63 4.20 27.57
C VAL B 104 -22.90 5.35 26.91
N ILE B 105 -23.55 5.97 25.93
CA ILE B 105 -23.05 7.21 25.33
C ILE B 105 -22.76 8.30 26.38
N ARG B 106 -23.75 8.55 27.22
CA ARG B 106 -23.64 9.53 28.26
C ARG B 106 -22.57 9.21 29.29
N GLU B 107 -22.54 7.99 29.77
CA GLU B 107 -21.60 7.61 30.81
C GLU B 107 -20.18 7.46 30.27
N SER B 108 -20.03 7.06 28.99
CA SER B 108 -18.73 6.99 28.32
C SER B 108 -18.12 8.39 28.18
N ALA B 109 -18.94 9.36 27.78
CA ALA B 109 -18.48 10.75 27.72
C ALA B 109 -17.97 11.25 29.07
N LYS B 110 -18.67 10.87 30.14
CA LYS B 110 -18.32 11.32 31.49
C LYS B 110 -17.00 10.80 31.97
N VAL B 111 -16.59 9.63 31.52
CA VAL B 111 -15.29 9.08 31.93
C VAL B 111 -14.18 9.24 30.87
N GLY B 112 -14.44 9.99 29.80
CA GLY B 112 -13.34 10.45 28.92
C GLY B 112 -13.32 10.06 27.46
N ALA B 113 -14.38 9.40 26.96
CA ALA B 113 -14.42 9.00 25.55
C ALA B 113 -14.41 10.20 24.62
N HIS B 114 -13.74 10.02 23.48
CA HIS B 114 -13.58 11.08 22.53
C HIS B 114 -14.53 11.01 21.34
N ILE B 115 -14.89 9.81 20.89
CA ILE B 115 -15.65 9.58 19.64
C ILE B 115 -16.73 8.54 19.89
N ILE B 116 -17.95 8.82 19.45
CA ILE B 116 -19.07 7.89 19.53
C ILE B 116 -19.10 7.12 18.22
N ASN B 117 -18.96 5.80 18.31
CA ASN B 117 -18.97 4.95 17.13
C ASN B 117 -20.13 3.96 17.19
N ASP B 118 -21.26 4.39 16.65
CA ASP B 118 -22.45 3.58 16.64
C ASP B 118 -22.72 3.06 15.23
N ILE B 119 -22.56 1.76 15.04
CA ILE B 119 -22.78 1.13 13.71
C ILE B 119 -24.26 1.11 13.34
N ARG B 120 -25.14 1.36 14.32
CA ARG B 120 -26.57 1.54 14.06
C ARG B 120 -26.97 3.01 13.83
N SER B 121 -26.01 3.89 13.67
CA SER B 121 -26.29 5.29 13.36
C SER B 121 -27.28 6.00 14.32
N LEU B 122 -27.12 5.80 15.63
CA LEU B 122 -27.94 6.52 16.63
C LEU B 122 -29.44 6.29 16.43
N SER B 123 -29.81 5.08 15.97
CA SER B 123 -31.18 4.77 15.64
C SER B 123 -32.00 4.38 16.88
N GLU B 124 -31.33 3.98 17.96
CA GLU B 124 -32.06 3.50 19.13
C GLU B 124 -32.75 4.73 19.82
N PRO B 125 -33.90 4.49 20.50
CA PRO B 125 -34.58 5.65 21.06
C PRO B 125 -33.67 6.40 22.04
N GLY B 126 -33.56 7.71 21.85
CA GLY B 126 -32.74 8.54 22.73
C GLY B 126 -31.25 8.63 22.37
N ALA B 127 -30.74 7.78 21.49
CA ALA B 127 -29.29 7.77 21.18
C ALA B 127 -28.80 9.09 20.53
N LEU B 128 -29.57 9.65 19.61
CA LEU B 128 -29.17 10.89 18.92
C LEU B 128 -29.09 12.02 19.92
N GLU B 129 -30.13 12.15 20.75
CA GLU B 129 -30.19 13.18 21.77
C GLU B 129 -29.05 13.02 22.76
N ALA B 130 -28.71 11.78 23.13
CA ALA B 130 -27.59 11.57 24.05
C ALA B 130 -26.24 11.96 23.40
N ALA B 131 -26.06 11.59 22.16
CA ALA B 131 -24.81 11.97 21.45
C ALA B 131 -24.68 13.50 21.35
N ALA B 132 -25.79 14.16 21.05
CA ALA B 132 -25.84 15.62 21.00
C ALA B 132 -25.45 16.26 22.31
N GLU B 133 -26.02 15.74 23.40
CA GLU B 133 -25.74 16.21 24.77
C GLU B 133 -24.27 16.14 25.15
N THR B 134 -23.56 15.10 24.68
CA THR B 134 -22.14 14.94 25.05
C THR B 134 -21.25 16.00 24.40
N GLY B 135 -21.66 16.51 23.25
CA GLY B 135 -20.84 17.40 22.46
C GLY B 135 -19.65 16.73 21.79
N LEU B 136 -19.60 15.39 21.79
CA LEU B 136 -18.45 14.64 21.23
C LEU B 136 -18.55 14.43 19.72
N PRO B 137 -17.39 14.20 19.09
CA PRO B 137 -17.40 13.74 17.73
C PRO B 137 -18.21 12.44 17.55
N VAL B 138 -18.89 12.36 16.42
CA VAL B 138 -19.77 11.24 16.08
C VAL B 138 -19.41 10.71 14.71
N CYS B 139 -19.28 9.39 14.60
CA CYS B 139 -18.95 8.74 13.31
C CYS B 139 -20.27 8.30 12.68
N LEU B 140 -20.53 8.77 11.46
CA LEU B 140 -21.72 8.39 10.71
C LEU B 140 -21.28 7.36 9.69
N MET B 141 -21.65 6.10 9.95
CA MET B 141 -21.26 4.98 9.12
C MET B 141 -22.44 4.50 8.30
N HIS B 142 -22.23 4.30 7.01
CA HIS B 142 -23.31 3.75 6.17
C HIS B 142 -23.49 2.23 6.43
N MET B 143 -24.74 1.79 6.67
CA MET B 143 -25.08 0.37 6.68
C MET B 143 -26.45 0.21 5.99
N GLN B 144 -26.69 -0.96 5.39
CA GLN B 144 -28.03 -1.32 4.88
C GLN B 144 -28.38 -2.66 5.50
N PRO B 154 -27.27 -7.65 -0.86
CA PRO B 154 -27.03 -6.25 -1.14
C PRO B 154 -27.39 -5.95 -2.56
N LYS B 155 -28.19 -4.91 -2.80
CA LYS B 155 -28.40 -4.34 -4.12
C LYS B 155 -28.32 -2.88 -4.03
N TYR B 156 -27.68 -2.27 -5.00
CA TYR B 156 -27.70 -0.83 -5.12
C TYR B 156 -27.78 -0.51 -6.58
N ASP B 157 -28.42 0.60 -6.90
CA ASP B 157 -28.37 1.13 -8.24
C ASP B 157 -27.01 1.65 -8.55
N ASP B 158 -26.55 2.55 -7.67
CA ASP B 158 -25.27 3.21 -7.72
C ASP B 158 -24.87 3.26 -6.24
N VAL B 159 -24.00 2.36 -5.83
CA VAL B 159 -23.67 2.22 -4.41
C VAL B 159 -23.11 3.51 -3.89
N PHE B 160 -22.28 4.15 -4.68
CA PHE B 160 -21.71 5.40 -4.26
C PHE B 160 -22.78 6.43 -4.03
N ALA B 161 -23.71 6.52 -4.94
CA ALA B 161 -24.72 7.53 -4.89
C ALA B 161 -25.58 7.35 -3.67
N GLU B 162 -25.90 6.11 -3.35
CA GLU B 162 -26.72 5.83 -2.21
C GLU B 162 -25.96 6.18 -0.95
N VAL B 163 -24.70 5.78 -0.89
CA VAL B 163 -23.92 6.06 0.31
C VAL B 163 -23.78 7.57 0.47
N ASN B 164 -23.56 8.28 -0.64
CA ASN B 164 -23.46 9.73 -0.63
C ASN B 164 -24.75 10.41 -0.12
N ARG B 165 -25.89 9.93 -0.60
CA ARG B 165 -27.20 10.45 -0.22
C ARG B 165 -27.44 10.20 1.28
N TYR B 166 -27.08 9.00 1.74
CA TYR B 166 -27.12 8.67 3.16
C TYR B 166 -26.30 9.66 4.03
N PHE B 167 -25.09 9.98 3.62
CA PHE B 167 -24.33 11.02 4.30
C PHE B 167 -25.04 12.39 4.32
N ILE B 168 -25.61 12.83 3.20
CA ILE B 168 -26.32 14.10 3.14
C ILE B 168 -27.46 14.11 4.19
N GLU B 169 -28.23 13.05 4.18
CA GLU B 169 -29.36 12.86 5.08
C GLU B 169 -28.93 12.81 6.56
N GLN B 170 -27.90 12.06 6.86
CA GLN B 170 -27.48 11.89 8.25
C GLN B 170 -26.81 13.13 8.79
N ILE B 171 -26.07 13.85 7.95
CA ILE B 171 -25.57 15.15 8.32
C ILE B 171 -26.71 16.10 8.73
N ALA B 172 -27.77 16.19 7.91
CA ALA B 172 -28.94 17.06 8.21
C ALA B 172 -29.64 16.67 9.50
N ARG B 173 -29.81 15.37 9.71
CA ARG B 173 -30.42 14.83 10.91
C ARG B 173 -29.61 15.17 12.16
N CYS B 174 -28.30 15.05 12.09
CA CYS B 174 -27.43 15.46 13.18
C CYS B 174 -27.48 16.97 13.48
N GLU B 175 -27.43 17.77 12.42
CA GLU B 175 -27.50 19.22 12.55
C GLU B 175 -28.82 19.67 13.18
N GLN B 176 -29.93 19.02 12.80
CA GLN B 176 -31.26 19.26 13.40
C GLN B 176 -31.29 18.95 14.89
N ALA B 177 -30.53 17.94 15.30
CA ALA B 177 -30.41 17.57 16.71
C ALA B 177 -29.40 18.42 17.48
N GLY B 178 -28.75 19.39 16.83
CA GLY B 178 -27.78 20.27 17.48
C GLY B 178 -26.35 19.78 17.44
N ILE B 179 -26.04 18.78 16.60
CA ILE B 179 -24.68 18.29 16.46
C ILE B 179 -24.11 18.98 15.23
N ALA B 180 -23.21 19.94 15.46
CA ALA B 180 -22.63 20.73 14.38
C ALA B 180 -21.76 19.87 13.43
N LYS B 181 -21.67 20.29 12.17
CA LYS B 181 -20.84 19.59 11.15
C LYS B 181 -19.43 19.28 11.63
N GLU B 182 -18.85 20.20 12.39
CA GLU B 182 -17.46 20.11 12.88
C GLU B 182 -17.21 18.91 13.81
N LYS B 183 -18.28 18.28 14.26
CA LYS B 183 -18.20 17.11 15.11
C LYS B 183 -18.31 15.80 14.34
N LEU B 184 -18.59 15.86 13.05
CA LEU B 184 -18.92 14.65 12.33
C LEU B 184 -17.74 14.03 11.59
N LEU B 185 -17.77 12.71 11.50
CA LEU B 185 -16.85 11.94 10.64
C LEU B 185 -17.72 11.02 9.77
N LEU B 186 -17.27 10.76 8.55
CA LEU B 186 -18.04 9.94 7.61
C LEU B 186 -17.28 8.69 7.31
N ASP B 187 -18.00 7.58 7.27
CA ASP B 187 -17.45 6.25 7.06
C ASP B 187 -18.41 5.50 6.11
N PRO B 188 -17.93 5.10 4.92
CA PRO B 188 -18.82 4.40 3.98
C PRO B 188 -19.21 2.98 4.41
N GLY B 189 -18.63 2.45 5.49
CA GLY B 189 -19.09 1.19 6.05
C GLY B 189 -18.78 -0.01 5.20
N PHE B 190 -17.48 -0.23 4.96
CA PHE B 190 -17.11 -1.39 4.19
C PHE B 190 -17.64 -2.66 4.82
N GLY B 191 -18.25 -3.51 4.00
CA GLY B 191 -18.78 -4.80 4.42
C GLY B 191 -20.19 -4.76 5.01
N PHE B 192 -20.76 -3.58 5.20
CA PHE B 192 -22.10 -3.43 5.87
C PHE B 192 -23.23 -3.32 4.85
N GLY B 193 -23.75 -4.49 4.49
CA GLY B 193 -24.76 -4.58 3.46
C GLY B 193 -24.16 -4.31 2.08
N LYS B 194 -22.99 -4.92 1.79
CA LYS B 194 -22.24 -4.68 0.57
C LYS B 194 -21.56 -5.97 0.09
N ASN B 195 -21.74 -6.32 -1.18
CA ASN B 195 -20.98 -7.38 -1.79
C ASN B 195 -19.62 -6.89 -2.25
N LEU B 196 -18.84 -7.83 -2.74
CA LEU B 196 -17.45 -7.59 -3.10
C LEU B 196 -17.34 -6.40 -4.03
N SER B 197 -18.14 -6.36 -5.10
CA SER B 197 -18.03 -5.28 -6.10
C SER B 197 -18.50 -3.94 -5.54
N HIS B 198 -19.47 -3.93 -4.64
CA HIS B 198 -19.88 -2.69 -4.01
C HIS B 198 -18.73 -2.09 -3.21
N ASN B 199 -18.04 -2.94 -2.44
CA ASN B 199 -16.97 -2.51 -1.60
C ASN B 199 -15.82 -1.90 -2.41
N TYR B 200 -15.43 -2.55 -3.48
CA TYR B 200 -14.39 -1.97 -4.36
C TYR B 200 -14.82 -0.71 -5.12
N SER B 201 -16.12 -0.59 -5.44
CA SER B 201 -16.61 0.65 -6.05
C SER B 201 -16.42 1.80 -5.09
N LEU B 202 -16.78 1.59 -3.81
CA LEU B 202 -16.64 2.64 -2.81
C LEU B 202 -15.18 2.97 -2.55
N LEU B 203 -14.32 1.96 -2.49
CA LEU B 203 -12.92 2.19 -2.26
C LEU B 203 -12.28 2.97 -3.42
N ALA B 204 -12.62 2.60 -4.66
CA ALA B 204 -12.08 3.28 -5.84
C ALA B 204 -12.48 4.75 -5.91
N ARG B 205 -13.65 5.10 -5.36
CA ARG B 205 -14.16 6.47 -5.44
C ARG B 205 -14.09 7.19 -4.11
N LEU B 206 -13.33 6.66 -3.15
CA LEU B 206 -13.37 7.21 -1.80
C LEU B 206 -13.08 8.73 -1.74
N ALA B 207 -12.08 9.17 -2.51
CA ALA B 207 -11.70 10.59 -2.54
C ALA B 207 -12.86 11.52 -2.89
N GLU B 208 -13.84 11.04 -3.63
CA GLU B 208 -14.99 11.90 -3.96
C GLU B 208 -15.85 12.28 -2.73
N PHE B 209 -15.73 11.53 -1.63
CA PHE B 209 -16.49 11.85 -0.40
C PHE B 209 -15.88 13.07 0.34
N HIS B 210 -14.70 13.55 -0.10
CA HIS B 210 -14.12 14.81 0.44
C HIS B 210 -14.94 16.08 0.17
N HIS B 211 -15.91 16.04 -0.76
CA HIS B 211 -16.74 17.24 -1.01
C HIS B 211 -17.50 17.76 0.24
N PHE B 212 -17.79 16.87 1.20
CA PHE B 212 -18.43 17.27 2.47
C PHE B 212 -17.50 18.08 3.37
N ASN B 213 -16.22 18.05 3.06
CA ASN B 213 -15.21 18.65 3.89
C ASN B 213 -15.23 18.17 5.34
N LEU B 214 -15.49 16.88 5.49
CA LEU B 214 -15.44 16.20 6.77
C LEU B 214 -14.35 15.15 6.81
N PRO B 215 -13.88 14.78 8.02
CA PRO B 215 -13.02 13.61 8.17
C PRO B 215 -13.62 12.29 7.66
N LEU B 216 -12.80 11.47 7.02
CA LEU B 216 -13.20 10.17 6.51
C LEU B 216 -12.51 9.11 7.37
N LEU B 217 -13.32 8.17 7.85
CA LEU B 217 -12.86 7.03 8.59
C LEU B 217 -13.24 5.77 7.80
N VAL B 218 -12.34 4.78 7.73
CA VAL B 218 -12.61 3.55 7.02
C VAL B 218 -12.18 2.40 7.86
N GLY B 219 -12.86 1.29 7.69
CA GLY B 219 -12.49 0.03 8.30
C GLY B 219 -12.69 -1.13 7.35
N MET B 220 -11.58 -1.64 6.84
CA MET B 220 -11.53 -2.76 5.93
C MET B 220 -10.76 -3.95 6.49
N SER B 221 -10.11 -3.76 7.64
CA SER B 221 -9.18 -4.74 8.19
C SER B 221 -9.79 -6.13 8.29
N ARG B 222 -9.18 -7.10 7.59
CA ARG B 222 -9.54 -8.53 7.67
C ARG B 222 -10.96 -8.87 7.19
N LYS B 223 -11.61 -7.94 6.48
CA LYS B 223 -13.00 -8.14 6.09
C LYS B 223 -13.12 -9.02 4.87
N SER B 224 -14.34 -9.46 4.63
CA SER B 224 -14.60 -10.36 3.50
C SER B 224 -14.20 -9.76 2.13
N MET B 225 -14.17 -8.43 2.00
CA MET B 225 -13.74 -7.83 0.75
C MET B 225 -12.28 -8.18 0.40
N ILE B 226 -11.49 -8.58 1.41
CA ILE B 226 -10.18 -9.17 1.20
C ILE B 226 -10.28 -10.71 1.11
N GLY B 227 -10.92 -11.35 2.10
CA GLY B 227 -11.01 -12.80 2.15
C GLY B 227 -11.58 -13.47 0.92
N GLN B 228 -12.67 -12.90 0.41
CA GLN B 228 -13.35 -13.39 -0.79
C GLN B 228 -12.52 -13.12 -2.03
N LEU B 229 -11.79 -12.01 -2.07
CA LEU B 229 -10.97 -11.72 -3.24
C LEU B 229 -9.78 -12.66 -3.33
N LEU B 230 -9.13 -12.88 -2.20
CA LEU B 230 -7.91 -13.67 -2.14
C LEU B 230 -8.14 -15.15 -1.86
N ASN B 231 -9.35 -15.50 -1.41
CA ASN B 231 -9.69 -16.84 -0.95
C ASN B 231 -8.76 -17.30 0.18
N VAL B 232 -8.71 -16.49 1.24
CA VAL B 232 -7.92 -16.79 2.44
C VAL B 232 -8.77 -16.55 3.67
N GLY B 233 -8.44 -17.26 4.75
CA GLY B 233 -9.15 -17.12 6.01
C GLY B 233 -8.83 -15.83 6.76
N PRO B 234 -9.54 -15.61 7.89
CA PRO B 234 -9.43 -14.34 8.64
C PRO B 234 -8.06 -13.99 9.15
N SER B 235 -7.21 -14.98 9.43
CA SER B 235 -5.86 -14.71 9.94
C SER B 235 -4.81 -14.50 8.84
N GLU B 236 -5.21 -14.59 7.58
CA GLU B 236 -4.28 -14.57 6.45
C GLU B 236 -4.44 -13.30 5.59
N ARG B 237 -5.10 -12.29 6.14
CA ARG B 237 -5.50 -11.12 5.39
C ARG B 237 -4.67 -9.86 5.61
N LEU B 238 -3.52 -9.98 6.25
CA LEU B 238 -2.74 -8.78 6.58
C LEU B 238 -2.27 -7.99 5.33
N SER B 239 -1.70 -8.69 4.35
CA SER B 239 -1.21 -8.01 3.14
C SER B 239 -2.35 -7.29 2.40
N GLY B 240 -3.49 -7.97 2.26
CA GLY B 240 -4.69 -7.36 1.70
C GLY B 240 -5.21 -6.19 2.52
N SER B 241 -5.22 -6.31 3.85
CA SER B 241 -5.67 -5.24 4.72
C SER B 241 -4.76 -4.00 4.58
N LEU B 242 -3.45 -4.23 4.45
CA LEU B 242 -2.50 -3.12 4.28
C LEU B 242 -2.73 -2.45 2.96
N ALA B 243 -3.01 -3.22 1.91
CA ALA B 243 -3.23 -2.66 0.60
C ALA B 243 -4.45 -1.76 0.63
N CYS B 244 -5.54 -2.26 1.24
CA CYS B 244 -6.74 -1.47 1.46
C CYS B 244 -6.47 -0.15 2.21
N ALA B 245 -5.75 -0.25 3.32
CA ALA B 245 -5.40 0.93 4.14
C ALA B 245 -4.61 1.96 3.32
N VAL B 246 -3.63 1.47 2.57
CA VAL B 246 -2.82 2.38 1.74
C VAL B 246 -3.63 3.02 0.66
N ILE B 247 -4.46 2.23 0.00
CA ILE B 247 -5.32 2.78 -1.05
C ILE B 247 -6.23 3.90 -0.50
N ALA B 248 -6.81 3.68 0.66
CA ALA B 248 -7.69 4.69 1.25
C ALA B 248 -6.91 5.93 1.73
N ALA B 249 -5.78 5.71 2.39
CA ALA B 249 -4.94 6.79 2.88
C ALA B 249 -4.36 7.64 1.75
N MET B 250 -4.02 7.02 0.64
CA MET B 250 -3.54 7.77 -0.51
C MET B 250 -4.61 8.70 -1.07
N GLN B 251 -5.87 8.33 -0.89
CA GLN B 251 -6.98 9.18 -1.23
C GLN B 251 -7.41 10.15 -0.16
N GLY B 252 -6.63 10.25 0.93
CA GLY B 252 -6.83 11.24 1.96
C GLY B 252 -7.76 10.83 3.08
N ALA B 253 -8.05 9.53 3.23
CA ALA B 253 -8.73 9.02 4.41
C ALA B 253 -7.95 9.41 5.66
N HIS B 254 -8.67 9.87 6.70
CA HIS B 254 -8.03 10.45 7.86
C HIS B 254 -7.76 9.45 8.98
N ILE B 255 -8.61 8.45 9.07
CA ILE B 255 -8.53 7.48 10.15
C ILE B 255 -8.75 6.09 9.53
N ILE B 256 -7.86 5.16 9.87
CA ILE B 256 -7.93 3.79 9.41
C ILE B 256 -8.08 2.87 10.61
N ARG B 257 -9.18 2.11 10.64
CA ARG B 257 -9.51 1.24 11.76
C ARG B 257 -9.02 -0.15 11.48
N VAL B 258 -8.17 -0.69 12.36
CA VAL B 258 -7.44 -1.90 12.05
C VAL B 258 -7.17 -2.79 13.25
N HIS B 259 -6.99 -4.06 12.95
CA HIS B 259 -6.52 -5.05 13.92
C HIS B 259 -5.03 -5.04 14.07
N ASP B 260 -4.31 -4.84 12.96
CA ASP B 260 -2.85 -4.97 12.89
C ASP B 260 -2.20 -3.59 12.92
N VAL B 261 -1.98 -3.09 14.13
CA VAL B 261 -1.60 -1.71 14.32
C VAL B 261 -0.19 -1.42 13.82
N LYS B 262 0.80 -2.13 14.30
CA LYS B 262 2.21 -1.78 13.94
C LYS B 262 2.40 -1.70 12.41
N GLU B 263 1.93 -2.71 11.72
CA GLU B 263 2.10 -2.79 10.28
C GLU B 263 1.38 -1.67 9.55
N THR B 264 0.17 -1.34 9.99
CA THR B 264 -0.57 -0.27 9.40
C THR B 264 0.09 1.12 9.67
N VAL B 265 0.63 1.33 10.87
CA VAL B 265 1.32 2.59 11.16
C VAL B 265 2.51 2.76 10.24
N GLU B 266 3.28 1.69 10.05
CA GLU B 266 4.42 1.75 9.14
C GLU B 266 3.99 2.11 7.71
N ALA B 267 2.95 1.44 7.21
CA ALA B 267 2.38 1.74 5.87
C ALA B 267 1.90 3.18 5.78
N MET B 268 1.31 3.70 6.86
CA MET B 268 0.86 5.08 6.89
C MET B 268 2.00 6.09 6.85
N ARG B 269 3.14 5.75 7.43
CA ARG B 269 4.32 6.60 7.34
C ARG B 269 4.81 6.75 5.89
N VAL B 270 4.78 5.65 5.17
CA VAL B 270 5.13 5.63 3.76
C VAL B 270 4.15 6.48 2.96
N VAL B 271 2.85 6.32 3.23
CA VAL B 271 1.85 7.15 2.60
C VAL B 271 2.11 8.63 2.90
N GLU B 272 2.39 8.96 4.17
CA GLU B 272 2.61 10.35 4.55
C GLU B 272 3.79 10.94 3.85
N ALA B 273 4.88 10.20 3.76
CA ALA B 273 6.07 10.69 3.09
C ALA B 273 5.78 10.92 1.56
N THR B 274 4.98 10.06 0.95
CA THR B 274 4.59 10.24 -0.42
C THR B 274 3.68 11.48 -0.62
N LEU B 275 2.64 11.59 0.20
CA LEU B 275 1.72 12.72 0.15
C LEU B 275 2.41 14.07 0.39
N SER B 276 3.39 14.09 1.28
CA SER B 276 4.17 15.31 1.52
C SER B 276 5.06 15.73 0.37
N ALA B 277 5.54 14.76 -0.39
CA ALA B 277 6.33 15.09 -1.58
C ALA B 277 5.46 15.52 -2.76
N LYS B 278 4.18 15.21 -2.71
CA LYS B 278 3.23 15.55 -3.77
C LYS B 278 2.71 16.98 -3.59
N GLU B 279 2.61 17.72 -4.67
CA GLU B 279 2.18 19.11 -4.63
C GLU B 279 0.70 19.21 -4.23
N ASN B 280 0.02 18.10 -4.37
CA ASN B 280 -1.41 18.01 -4.22
C ASN B 280 -1.85 17.46 -2.87
N LYS B 281 -0.92 16.74 -2.27
CA LYS B 281 -1.18 16.03 -1.04
C LYS B 281 -2.43 15.15 -1.15
N ARG B 282 -2.71 14.59 -2.33
CA ARG B 282 -3.77 13.58 -2.44
C ARG B 282 -3.85 12.85 -3.81
N TYR B 283 -4.28 11.59 -3.80
CA TYR B 283 -4.54 10.82 -5.06
C TYR B 283 -6.03 10.71 -5.36
N GLU B 284 -6.36 10.87 -6.64
CA GLU B 284 -7.75 10.80 -7.14
C GLU B 284 -7.69 10.24 -8.56
#